data_3V7Y
#
_entry.id   3V7Y
#
_cell.length_a   62.812
_cell.length_b   75.675
_cell.length_c   118.619
_cell.angle_alpha   90.00
_cell.angle_beta   90.00
_cell.angle_gamma   90.00
#
_symmetry.space_group_name_H-M   'I 2 2 2'
#
loop_
_entity.id
_entity.type
_entity.pdbx_description
1 polymer 'Probable inorganic polyphosphate/ATP-NAD kinase 1'
2 non-polymer 'CITRIC ACID'
3 non-polymer "5'-deoxy-5'-(prop-2-yn-1-ylamino)adenosine"
4 water water
#
_entity_poly.entity_id   1
_entity_poly.type   'polypeptide(L)'
_entity_poly.pdbx_seq_one_letter_code
;MKYMITSKGDEKSDLLRLNMIAGFGEYDMEYDDVEPEIVISIGGDGTFLSAFHQYEERLDEIAFIGIHTGHLGFYADWRP
AEADKLVKLLAKGEYQKVSYPLLKTTVKYGIGKKEATYLALNESTVKSSGGPFVVDVVINDIHFERFRGDGLCMSTPSGT
TAYNKSLGGALMHPSIEAMQLTEMASINNRVYRTIGSPLVFPKHHVVSLQPVNDKDFQISVDHLSILHRDVQEIRYEVSA
KKIHFARFRSFPFWRRVHDSFIEDLEHHHHHH
;
_entity_poly.pdbx_strand_id   A
#
loop_
_chem_comp.id
_chem_comp.type
_chem_comp.name
_chem_comp.formula
A3N non-polymer 5'-deoxy-5'-(prop-2-yn-1-ylamino)adenosine 'C13 H16 N6 O3'
CIT non-polymer 'CITRIC ACID' 'C6 H8 O7'
#
# COMPACT_ATOMS: atom_id res chain seq x y z
N MET A 1 -14.12 19.20 13.87
CA MET A 1 -13.15 18.12 13.73
C MET A 1 -11.87 18.62 13.07
N LYS A 2 -10.72 18.26 13.63
CA LYS A 2 -9.43 18.62 13.04
C LYS A 2 -9.25 17.88 11.73
N TYR A 3 -8.74 18.57 10.71
CA TYR A 3 -8.57 17.97 9.38
C TYR A 3 -7.41 18.63 8.64
N MET A 4 -6.90 17.94 7.63
CA MET A 4 -5.96 18.57 6.70
C MET A 4 -6.18 18.06 5.29
N ILE A 5 -5.63 18.78 4.31
CA ILE A 5 -5.77 18.41 2.92
C ILE A 5 -4.40 18.47 2.28
N THR A 6 -3.98 17.37 1.66
CA THR A 6 -2.77 17.39 0.87
C THR A 6 -3.15 17.51 -0.59
N SER A 7 -2.28 18.15 -1.38
CA SER A 7 -2.54 18.33 -2.80
C SER A 7 -1.41 17.74 -3.63
N LYS A 8 -1.77 17.27 -4.83
CA LYS A 8 -0.77 16.85 -5.81
C LYS A 8 0.16 18.00 -6.15
N GLY A 9 -0.34 19.23 -6.03
CA GLY A 9 0.49 20.40 -6.23
C GLY A 9 0.37 21.04 -7.59
N ASP A 10 -0.48 20.46 -8.45
CA ASP A 10 -0.81 21.10 -9.72
C ASP A 10 -1.91 22.13 -9.48
N GLU A 11 -2.18 22.96 -10.48
CA GLU A 11 -3.18 24.03 -10.35
C GLU A 11 -4.55 23.51 -9.91
N LYS A 12 -5.08 22.55 -10.66
CA LYS A 12 -6.39 21.99 -10.39
C LYS A 12 -6.55 21.56 -8.93
N SER A 13 -5.55 20.86 -8.41
CA SER A 13 -5.61 20.31 -7.06
C SER A 13 -5.50 21.38 -5.96
N ASP A 14 -4.65 22.37 -6.16
CA ASP A 14 -4.48 23.43 -5.16
C ASP A 14 -5.73 24.29 -5.04
N LEU A 15 -6.33 24.61 -6.18
CA LEU A 15 -7.54 25.42 -6.19
C LEU A 15 -8.69 24.64 -5.56
N LEU A 16 -8.75 23.34 -5.83
CA LEU A 16 -9.78 22.50 -5.23
C LEU A 16 -9.58 22.49 -3.71
N ARG A 17 -8.33 22.36 -3.29
CA ARG A 17 -7.99 22.37 -1.87
C ARG A 17 -8.34 23.70 -1.18
N LEU A 18 -8.00 24.83 -1.80
CA LEU A 18 -8.39 26.12 -1.24
C LEU A 18 -9.91 26.29 -1.11
N ASN A 19 -10.64 25.83 -2.12
CA ASN A 19 -12.10 25.90 -2.10
C ASN A 19 -12.74 25.05 -1.00
N MET A 20 -12.17 23.88 -0.74
CA MET A 20 -12.71 23.01 0.30
C MET A 20 -12.41 23.57 1.68
N ILE A 21 -11.21 24.13 1.85
CA ILE A 21 -10.85 24.82 3.08
C ILE A 21 -11.79 26.00 3.31
N ALA A 22 -12.05 26.77 2.26
CA ALA A 22 -12.97 27.89 2.40
C ALA A 22 -14.35 27.39 2.83
N GLY A 23 -14.84 26.35 2.15
CA GLY A 23 -16.10 25.73 2.52
C GLY A 23 -16.14 25.13 3.92
N PHE A 24 -15.03 24.52 4.33
CA PHE A 24 -14.92 24.01 5.70
C PHE A 24 -14.99 25.16 6.70
N GLY A 25 -14.58 26.35 6.28
CA GLY A 25 -14.62 27.52 7.13
C GLY A 25 -16.03 27.91 7.55
N GLU A 26 -17.02 27.33 6.88
CA GLU A 26 -18.42 27.63 7.18
C GLU A 26 -18.99 26.65 8.20
N TYR A 27 -18.13 25.78 8.72
CA TYR A 27 -18.55 24.76 9.67
C TYR A 27 -17.61 24.72 10.87
N ASP A 28 -17.93 23.89 11.86
CA ASP A 28 -17.04 23.67 12.99
C ASP A 28 -15.96 22.67 12.62
N MET A 29 -14.93 23.17 11.96
CA MET A 29 -13.83 22.34 11.48
C MET A 29 -12.54 23.13 11.62
N GLU A 30 -11.52 22.49 12.18
CA GLU A 30 -10.23 23.13 12.40
C GLU A 30 -9.16 22.49 11.53
N TYR A 31 -8.51 23.31 10.71
CA TYR A 31 -7.38 22.80 9.93
C TYR A 31 -6.21 22.55 10.87
N ASP A 32 -5.68 21.33 10.84
CA ASP A 32 -4.54 20.97 11.69
C ASP A 32 -3.80 19.82 11.02
N ASP A 33 -2.61 20.09 10.52
CA ASP A 33 -1.86 19.06 9.81
C ASP A 33 -0.90 18.32 10.74
N VAL A 34 -1.08 18.52 12.04
CA VAL A 34 -0.27 17.81 13.04
C VAL A 34 -1.06 16.66 13.65
N GLU A 35 -2.27 16.96 14.12
CA GLU A 35 -3.15 15.93 14.67
C GLU A 35 -4.54 15.93 14.01
N PRO A 36 -4.59 15.80 12.68
CA PRO A 36 -5.91 15.73 12.04
C PRO A 36 -6.65 14.46 12.42
N GLU A 37 -7.98 14.50 12.33
CA GLU A 37 -8.80 13.30 12.48
C GLU A 37 -9.27 12.88 11.10
N ILE A 38 -9.21 13.81 10.16
CA ILE A 38 -9.59 13.57 8.77
C ILE A 38 -8.49 14.05 7.84
N VAL A 39 -8.05 13.17 6.94
CA VAL A 39 -7.02 13.50 5.97
C VAL A 39 -7.55 13.36 4.56
N ILE A 40 -7.66 14.49 3.86
CA ILE A 40 -8.15 14.49 2.50
C ILE A 40 -6.98 14.61 1.53
N SER A 41 -6.92 13.69 0.59
CA SER A 41 -5.87 13.71 -0.40
C SER A 41 -6.49 14.08 -1.74
N ILE A 42 -5.95 15.11 -2.38
CA ILE A 42 -6.45 15.53 -3.69
C ILE A 42 -5.36 15.36 -4.74
N GLY A 43 -5.62 14.46 -5.68
CA GLY A 43 -4.66 14.13 -6.71
C GLY A 43 -4.93 12.75 -7.29
N GLY A 44 -3.95 11.86 -7.15
CA GLY A 44 -4.07 10.51 -7.64
C GLY A 44 -3.74 9.53 -6.53
N ASP A 45 -3.50 8.27 -6.88
CA ASP A 45 -3.14 7.28 -5.87
C ASP A 45 -1.76 7.55 -5.27
N GLY A 46 -0.84 8.07 -6.09
CA GLY A 46 0.45 8.48 -5.58
C GLY A 46 0.32 9.52 -4.49
N THR A 47 -0.58 10.48 -4.69
CA THR A 47 -0.79 11.53 -3.69
C THR A 47 -1.36 10.91 -2.41
N PHE A 48 -2.29 9.99 -2.59
CA PHE A 48 -2.91 9.31 -1.46
C PHE A 48 -1.88 8.48 -0.70
N LEU A 49 -1.02 7.78 -1.43
CA LEU A 49 0.06 7.01 -0.82
C LEU A 49 0.91 7.87 0.11
N SER A 50 1.27 9.07 -0.33
CA SER A 50 2.09 9.98 0.48
C SER A 50 1.33 10.44 1.73
N ALA A 51 0.03 10.66 1.59
CA ALA A 51 -0.81 11.08 2.69
C ALA A 51 -0.78 10.01 3.77
N PHE A 52 -0.95 8.76 3.34
CA PHE A 52 -0.92 7.62 4.24
C PHE A 52 0.41 7.54 5.00
N HIS A 53 1.51 7.65 4.28
CA HIS A 53 2.84 7.54 4.87
C HIS A 53 3.21 8.75 5.72
N GLN A 54 2.60 9.91 5.43
CA GLN A 54 2.83 11.09 6.24
C GLN A 54 2.27 10.87 7.64
N TYR A 55 1.14 10.17 7.72
CA TYR A 55 0.44 10.00 8.99
C TYR A 55 0.36 8.54 9.47
N GLU A 56 1.33 7.73 9.09
CA GLU A 56 1.25 6.29 9.37
C GLU A 56 1.43 5.95 10.85
N GLU A 57 1.74 6.96 11.65
CA GLU A 57 1.90 6.77 13.10
C GLU A 57 0.61 7.08 13.86
N ARG A 58 -0.39 7.61 13.16
CA ARG A 58 -1.68 7.91 13.77
C ARG A 58 -2.83 7.29 12.98
N LEU A 59 -2.59 6.10 12.42
CA LEU A 59 -3.60 5.43 11.59
C LEU A 59 -4.89 5.13 12.33
N ASP A 60 -4.79 4.79 13.60
CA ASP A 60 -5.96 4.44 14.39
C ASP A 60 -6.83 5.65 14.73
N GLU A 61 -6.27 6.85 14.53
CA GLU A 61 -7.00 8.08 14.86
C GLU A 61 -7.43 8.87 13.63
N ILE A 62 -7.13 8.34 12.44
CA ILE A 62 -7.39 9.06 11.21
C ILE A 62 -8.36 8.32 10.28
N ALA A 63 -9.27 9.05 9.66
CA ALA A 63 -10.06 8.51 8.54
C ALA A 63 -9.66 9.24 7.27
N PHE A 64 -9.27 8.46 6.25
CA PHE A 64 -8.79 9.00 4.99
C PHE A 64 -9.89 9.11 3.93
N ILE A 65 -9.76 10.12 3.05
CA ILE A 65 -10.62 10.27 1.89
C ILE A 65 -9.79 10.77 0.71
N GLY A 66 -9.97 10.18 -0.46
CA GLY A 66 -9.23 10.62 -1.63
C GLY A 66 -10.11 11.22 -2.70
N ILE A 67 -9.68 12.35 -3.27
CA ILE A 67 -10.36 12.95 -4.40
C ILE A 67 -9.47 12.84 -5.63
N HIS A 68 -10.01 12.34 -6.74
CA HIS A 68 -9.21 12.20 -7.94
C HIS A 68 -9.41 13.34 -8.93
N THR A 69 -8.35 14.11 -9.13
CA THR A 69 -8.42 15.23 -10.07
C THR A 69 -8.01 14.79 -11.46
N GLY A 70 -7.17 13.76 -11.52
CA GLY A 70 -6.88 13.09 -12.78
C GLY A 70 -7.87 11.95 -12.98
N HIS A 71 -7.36 10.82 -13.45
CA HIS A 71 -8.18 9.62 -13.62
C HIS A 71 -8.63 9.03 -12.28
N LEU A 72 -9.65 8.18 -12.34
CA LEU A 72 -10.17 7.49 -11.17
C LEU A 72 -9.06 6.66 -10.50
N GLY A 73 -8.99 6.74 -9.17
CA GLY A 73 -8.01 5.99 -8.42
C GLY A 73 -8.71 4.96 -7.54
N PHE A 74 -7.96 4.00 -7.03
CA PHE A 74 -8.52 3.01 -6.14
C PHE A 74 -8.65 3.54 -4.74
N TYR A 75 -7.80 4.51 -4.42
CA TYR A 75 -7.83 5.11 -3.10
C TYR A 75 -8.52 6.47 -3.20
N ALA A 76 -8.19 7.19 -4.27
CA ALA A 76 -8.78 8.49 -4.53
C ALA A 76 -9.99 8.28 -5.41
N ASP A 77 -11.10 7.87 -4.80
CA ASP A 77 -12.24 7.40 -5.56
C ASP A 77 -13.47 8.37 -5.62
N TRP A 78 -13.24 9.64 -5.31
CA TRP A 78 -14.31 10.62 -5.46
CA TRP A 78 -14.26 10.71 -5.36
C TRP A 78 -13.92 11.71 -6.47
N ARG A 79 -14.94 12.25 -7.14
CA ARG A 79 -14.70 13.26 -8.19
C ARG A 79 -14.72 14.68 -7.64
N PRO A 80 -13.99 15.60 -8.30
CA PRO A 80 -13.89 17.01 -7.86
C PRO A 80 -15.24 17.71 -7.78
N ALA A 81 -16.13 17.42 -8.73
CA ALA A 81 -17.45 18.05 -8.75
C ALA A 81 -18.26 17.72 -7.49
N GLU A 82 -17.83 16.70 -6.77
CA GLU A 82 -18.50 16.27 -5.55
C GLU A 82 -17.87 16.84 -4.28
N ALA A 83 -16.91 17.74 -4.45
CA ALA A 83 -16.20 18.31 -3.31
C ALA A 83 -17.13 19.02 -2.33
N ASP A 84 -18.05 19.83 -2.87
CA ASP A 84 -18.99 20.56 -2.02
C ASP A 84 -19.85 19.62 -1.20
N LYS A 85 -20.34 18.56 -1.84
CA LYS A 85 -21.15 17.55 -1.15
C LYS A 85 -20.34 16.85 -0.07
N LEU A 86 -19.05 16.66 -0.34
CA LEU A 86 -18.13 16.02 0.60
C LEU A 86 -17.88 16.90 1.81
N VAL A 87 -17.72 18.20 1.57
CA VAL A 87 -17.56 19.16 2.66
C VAL A 87 -18.72 19.04 3.66
N LYS A 88 -19.95 19.15 3.15
CA LYS A 88 -21.14 19.08 4.00
C LYS A 88 -21.18 17.79 4.81
N LEU A 89 -21.19 16.66 4.11
CA LEU A 89 -21.32 15.36 4.76
C LEU A 89 -20.24 15.12 5.82
N LEU A 90 -19.01 15.49 5.51
CA LEU A 90 -17.90 15.36 6.46
C LEU A 90 -18.11 16.22 7.69
N ALA A 91 -18.68 17.40 7.49
CA ALA A 91 -18.91 18.35 8.58
C ALA A 91 -19.71 17.71 9.71
N LYS A 92 -20.84 17.09 9.36
CA LYS A 92 -21.65 16.39 10.34
C LYS A 92 -21.01 15.06 10.75
N TYR A 95 -20.71 9.60 9.34
CA TYR A 95 -20.25 8.73 8.27
C TYR A 95 -19.71 7.41 8.82
N GLN A 96 -19.78 6.36 8.01
CA GLN A 96 -19.25 5.06 8.39
C GLN A 96 -17.75 4.98 8.09
N LYS A 97 -17.06 4.06 8.76
CA LYS A 97 -15.64 3.86 8.52
C LYS A 97 -15.37 2.48 7.96
N VAL A 98 -14.49 2.41 6.97
CA VAL A 98 -14.15 1.16 6.29
C VAL A 98 -12.66 0.89 6.44
N SER A 99 -12.30 -0.31 6.90
CA SER A 99 -10.91 -0.62 7.19
C SER A 99 -10.29 -1.64 6.22
N TYR A 100 -9.08 -1.35 5.77
CA TYR A 100 -8.32 -2.25 4.91
C TYR A 100 -7.05 -2.74 5.62
N PRO A 101 -6.62 -3.97 5.33
CA PRO A 101 -5.41 -4.56 5.95
C PRO A 101 -4.13 -3.94 5.39
N LEU A 102 -3.06 -3.97 6.19
CA LEU A 102 -1.77 -3.42 5.80
C LEU A 102 -0.69 -4.49 5.94
N LEU A 103 0.46 -4.27 5.31
CA LEU A 103 1.58 -5.21 5.35
C LEU A 103 2.71 -4.68 6.23
N LYS A 104 3.20 -5.51 7.13
CA LYS A 104 4.35 -5.14 7.93
C LYS A 104 5.62 -5.78 7.34
N THR A 105 6.62 -4.95 7.06
CA THR A 105 7.92 -5.44 6.62
C THR A 105 8.96 -5.18 7.72
N THR A 106 9.66 -6.22 8.13
CA THR A 106 10.76 -6.08 9.07
C THR A 106 12.09 -6.39 8.40
N VAL A 107 13.05 -5.50 8.54
CA VAL A 107 14.38 -5.72 7.98
C VAL A 107 15.41 -5.84 9.11
N LYS A 108 16.09 -6.99 9.19
CA LYS A 108 17.10 -7.19 10.21
C LYS A 108 18.50 -7.16 9.60
N TYR A 109 19.48 -6.68 10.36
CA TYR A 109 20.83 -6.52 9.84
C TYR A 109 21.87 -7.34 10.62
N GLY A 110 23.13 -6.95 10.47
CA GLY A 110 24.21 -7.49 11.28
C GLY A 110 24.59 -6.48 12.35
N ILE A 111 25.52 -6.85 13.22
CA ILE A 111 25.92 -6.00 14.34
C ILE A 111 24.73 -5.72 15.26
N GLU A 115 17.38 -3.15 13.55
CA GLU A 115 16.14 -3.65 12.97
C GLU A 115 15.19 -2.51 12.59
N ALA A 116 14.67 -2.55 11.36
CA ALA A 116 13.75 -1.52 10.89
C ALA A 116 12.44 -2.12 10.40
N THR A 117 11.33 -1.49 10.77
CA THR A 117 10.02 -1.95 10.34
C THR A 117 9.34 -0.90 9.45
N TYR A 118 8.57 -1.36 8.47
CA TYR A 118 7.85 -0.46 7.56
C TYR A 118 6.41 -0.93 7.43
N LEU A 119 5.52 0.00 7.10
CA LEU A 119 4.12 -0.32 6.84
C LEU A 119 3.82 -0.01 5.37
N ALA A 120 3.20 -0.96 4.67
CA ALA A 120 2.85 -0.75 3.26
C ALA A 120 1.34 -0.77 3.06
N LEU A 121 0.86 0.11 2.19
CA LEU A 121 -0.55 0.13 1.80
C LEU A 121 -0.78 -0.66 0.51
N ASN A 122 0.20 -0.61 -0.38
CA ASN A 122 0.15 -1.39 -1.61
C ASN A 122 1.00 -2.65 -1.49
N GLU A 123 2.32 -2.49 -1.43
CA GLU A 123 3.22 -3.64 -1.44
C GLU A 123 4.63 -3.30 -0.98
N SER A 124 5.41 -4.35 -0.71
CA SER A 124 6.84 -4.22 -0.47
C SER A 124 7.52 -5.15 -1.45
N THR A 125 8.61 -4.70 -2.07
CA THR A 125 9.31 -5.58 -3.00
C THR A 125 10.77 -5.68 -2.65
N VAL A 126 11.40 -6.76 -3.08
CA VAL A 126 12.81 -6.98 -2.85
C VAL A 126 13.47 -7.36 -4.16
N LYS A 127 14.58 -6.69 -4.47
CA LYS A 127 15.41 -6.99 -5.64
C LYS A 127 16.87 -6.88 -5.19
N SER A 128 17.81 -7.29 -6.04
CA SER A 128 19.23 -7.20 -5.70
C SER A 128 19.74 -5.80 -6.02
N SER A 129 20.87 -5.45 -5.40
CA SER A 129 21.48 -4.16 -5.63
C SER A 129 22.70 -4.32 -6.51
N GLY A 130 22.48 -4.65 -7.77
CA GLY A 130 23.57 -4.88 -8.70
C GLY A 130 24.13 -6.29 -8.58
N GLY A 131 23.44 -7.24 -9.22
CA GLY A 131 23.86 -8.63 -9.18
C GLY A 131 22.70 -9.58 -9.22
N PRO A 132 22.98 -10.89 -9.12
CA PRO A 132 21.93 -11.92 -9.13
C PRO A 132 21.17 -11.94 -7.81
N PHE A 133 19.85 -12.04 -7.90
CA PHE A 133 19.00 -12.13 -6.72
C PHE A 133 18.74 -13.60 -6.38
N VAL A 134 19.17 -14.01 -5.19
CA VAL A 134 18.92 -15.35 -4.69
C VAL A 134 18.55 -15.24 -3.22
N VAL A 135 17.38 -15.73 -2.84
CA VAL A 135 17.02 -15.74 -1.43
C VAL A 135 16.35 -17.05 -1.10
N ASP A 136 16.47 -17.46 0.16
CA ASP A 136 15.75 -18.62 0.64
C ASP A 136 14.43 -18.15 1.21
N VAL A 137 13.34 -18.76 0.77
CA VAL A 137 12.03 -18.35 1.23
C VAL A 137 11.57 -19.29 2.34
N VAL A 138 11.29 -18.72 3.50
CA VAL A 138 10.95 -19.51 4.67
C VAL A 138 9.57 -19.10 5.20
N ILE A 139 8.67 -20.06 5.27
CA ILE A 139 7.29 -19.81 5.71
C ILE A 139 7.05 -20.43 7.08
N ASN A 140 6.82 -19.60 8.09
CA ASN A 140 6.61 -20.09 9.45
C ASN A 140 7.73 -21.06 9.85
N ASP A 141 8.97 -20.63 9.62
CA ASP A 141 10.17 -21.37 10.00
C ASP A 141 10.48 -22.60 9.15
N ILE A 142 9.62 -22.87 8.17
CA ILE A 142 9.84 -24.01 7.26
C ILE A 142 10.43 -23.54 5.94
N HIS A 143 11.56 -24.11 5.53
CA HIS A 143 12.17 -23.74 4.25
CA HIS A 143 12.18 -23.74 4.27
C HIS A 143 11.30 -24.18 3.10
N PHE A 144 10.80 -23.21 2.34
CA PHE A 144 9.86 -23.48 1.27
C PHE A 144 10.50 -23.61 -0.12
N GLU A 145 11.41 -22.70 -0.45
CA GLU A 145 12.04 -22.72 -1.77
C GLU A 145 13.27 -21.83 -1.78
N ARG A 146 14.17 -22.08 -2.71
CA ARG A 146 15.25 -21.14 -2.99
C ARG A 146 14.91 -20.36 -4.25
N PHE A 147 14.66 -19.06 -4.11
CA PHE A 147 14.23 -18.24 -5.24
C PHE A 147 15.37 -17.56 -6.00
N ARG A 148 15.45 -17.83 -7.30
CA ARG A 148 16.37 -17.15 -8.20
C ARG A 148 15.56 -16.41 -9.27
N GLY A 149 15.79 -15.12 -9.43
CA GLY A 149 15.06 -14.33 -10.41
C GLY A 149 15.35 -12.86 -10.26
N ASP A 150 14.41 -12.00 -10.64
CA ASP A 150 14.60 -10.56 -10.52
C ASP A 150 14.26 -10.07 -9.12
N GLY A 151 13.27 -10.69 -8.50
CA GLY A 151 12.83 -10.26 -7.19
C GLY A 151 11.49 -10.82 -6.80
N LEU A 152 10.96 -10.31 -5.69
CA LEU A 152 9.70 -10.78 -5.14
C LEU A 152 8.87 -9.59 -4.68
N CYS A 153 7.56 -9.77 -4.64
CA CYS A 153 6.64 -8.69 -4.29
C CYS A 153 5.60 -9.20 -3.30
N MET A 154 5.43 -8.49 -2.18
CA MET A 154 4.41 -8.85 -1.20
C MET A 154 3.35 -7.78 -1.13
N SER A 155 2.13 -8.13 -1.51
CA SER A 155 1.04 -7.18 -1.68
C SER A 155 -0.03 -7.29 -0.60
N THR A 156 -0.59 -6.15 -0.22
CA THR A 156 -1.80 -6.13 0.58
C THR A 156 -2.96 -6.44 -0.36
N PRO A 157 -4.15 -6.69 0.20
CA PRO A 157 -5.34 -6.87 -0.64
C PRO A 157 -5.60 -5.67 -1.56
N SER A 158 -5.60 -4.45 -1.02
CA SER A 158 -5.83 -3.29 -1.89
C SER A 158 -4.67 -3.08 -2.88
N GLY A 159 -3.48 -3.52 -2.50
CA GLY A 159 -2.34 -3.47 -3.38
C GLY A 159 -2.41 -4.44 -4.54
N THR A 160 -3.29 -5.42 -4.44
CA THR A 160 -3.33 -6.47 -5.46
C THR A 160 -3.67 -5.94 -6.85
N THR A 161 -4.28 -4.76 -6.92
CA THR A 161 -4.64 -4.15 -8.20
C THR A 161 -3.48 -3.36 -8.80
N ALA A 162 -2.39 -3.26 -8.05
CA ALA A 162 -1.23 -2.47 -8.47
C ALA A 162 -0.12 -3.35 -9.04
N TYR A 163 1.09 -3.20 -8.51
CA TYR A 163 2.25 -3.96 -8.98
C TYR A 163 1.94 -5.47 -9.04
N ASN A 164 1.31 -5.98 -8.00
CA ASN A 164 0.89 -7.38 -7.93
C ASN A 164 0.15 -7.85 -9.19
N LYS A 165 -0.75 -7.00 -9.70
CA LYS A 165 -1.52 -7.36 -10.89
C LYS A 165 -0.63 -7.52 -12.12
N SER A 166 0.32 -6.61 -12.29
CA SER A 166 1.26 -6.68 -13.41
C SER A 166 2.12 -7.95 -13.38
N LEU A 167 2.28 -8.53 -12.20
CA LEU A 167 3.12 -9.73 -12.05
C LEU A 167 2.32 -11.03 -12.12
N GLY A 168 1.05 -10.94 -12.51
CA GLY A 168 0.22 -12.12 -12.65
C GLY A 168 -0.49 -12.54 -11.37
N GLY A 169 -0.42 -11.68 -10.36
CA GLY A 169 -1.08 -11.93 -9.10
C GLY A 169 -2.59 -11.87 -9.18
N ALA A 170 -3.25 -12.43 -8.17
CA ALA A 170 -4.71 -12.41 -8.10
C ALA A 170 -5.19 -11.11 -7.47
N LEU A 171 -6.38 -10.67 -7.86
CA LEU A 171 -7.01 -9.54 -7.19
C LEU A 171 -7.83 -10.08 -6.04
N MET A 172 -7.62 -9.57 -4.84
CA MET A 172 -8.39 -10.04 -3.70
C MET A 172 -9.13 -8.94 -2.95
N HIS A 173 -10.38 -9.21 -2.61
CA HIS A 173 -11.20 -8.26 -1.89
C HIS A 173 -10.55 -7.87 -0.57
N PRO A 174 -10.45 -6.55 -0.30
CA PRO A 174 -9.72 -6.02 0.85
C PRO A 174 -10.35 -6.38 2.19
N SER A 175 -11.49 -7.06 2.17
CA SER A 175 -12.08 -7.56 3.40
C SER A 175 -11.34 -8.82 3.88
N ILE A 176 -10.54 -9.40 2.99
CA ILE A 176 -9.74 -10.58 3.34
C ILE A 176 -8.42 -10.14 3.97
N GLU A 177 -8.21 -10.53 5.22
CA GLU A 177 -6.98 -10.18 5.91
C GLU A 177 -5.85 -11.12 5.48
N ALA A 178 -5.06 -10.66 4.52
CA ALA A 178 -4.08 -11.52 3.87
C ALA A 178 -2.99 -10.69 3.20
N MET A 179 -1.96 -11.39 2.74
CA MET A 179 -0.92 -10.79 1.91
C MET A 179 -0.61 -11.79 0.81
N GLN A 180 -0.09 -11.27 -0.30
CA GLN A 180 0.13 -12.12 -1.47
C GLN A 180 1.53 -11.94 -2.03
N LEU A 181 2.21 -13.06 -2.21
CA LEU A 181 3.58 -13.06 -2.69
C LEU A 181 3.63 -13.46 -4.15
N THR A 182 4.21 -12.60 -4.98
CA THR A 182 4.35 -12.90 -6.40
C THR A 182 5.80 -12.85 -6.82
N GLU A 183 6.14 -13.64 -7.83
CA GLU A 183 7.52 -13.72 -8.32
C GLU A 183 7.79 -12.75 -9.45
N MET A 184 9.02 -12.25 -9.53
CA MET A 184 9.46 -11.48 -10.69
CA MET A 184 9.45 -11.49 -10.68
C MET A 184 10.48 -12.29 -11.47
N ALA A 185 10.13 -12.71 -12.67
CA ALA A 185 11.04 -13.40 -13.57
C ALA A 185 11.87 -14.50 -12.88
N SER A 186 11.21 -15.50 -12.31
CA SER A 186 11.91 -16.60 -11.66
CA SER A 186 11.90 -16.61 -11.67
C SER A 186 12.58 -17.51 -12.69
N ILE A 187 13.75 -18.03 -12.33
CA ILE A 187 14.44 -19.00 -13.17
C ILE A 187 13.96 -20.39 -12.78
N ASN A 188 13.50 -21.16 -13.75
CA ASN A 188 13.11 -22.54 -13.49
C ASN A 188 13.70 -23.46 -14.54
N ASN A 189 14.56 -24.37 -14.09
CA ASN A 189 15.11 -25.37 -14.99
C ASN A 189 15.28 -26.69 -14.24
N ARG A 190 16.04 -27.62 -14.80
CA ARG A 190 16.28 -28.91 -14.15
C ARG A 190 16.91 -28.70 -12.76
N VAL A 191 17.77 -27.68 -12.67
CA VAL A 191 18.48 -27.34 -11.44
C VAL A 191 17.67 -26.47 -10.45
N TYR A 192 17.15 -25.34 -10.92
CA TYR A 192 16.49 -24.37 -10.03
C TYR A 192 14.95 -24.49 -10.07
N ARG A 193 14.30 -24.33 -8.92
CA ARG A 193 12.88 -24.66 -8.79
C ARG A 193 12.11 -23.72 -7.86
N THR A 194 11.14 -22.98 -8.41
CA THR A 194 10.25 -22.16 -7.58
C THR A 194 8.81 -22.61 -7.77
N ILE A 195 7.92 -22.17 -6.88
CA ILE A 195 6.53 -22.58 -6.97
C ILE A 195 5.82 -22.02 -8.22
N GLY A 196 6.28 -20.88 -8.71
CA GLY A 196 5.68 -20.25 -9.88
C GLY A 196 4.47 -19.42 -9.51
N SER A 197 3.48 -20.09 -8.94
CA SER A 197 2.21 -19.46 -8.60
C SER A 197 2.30 -18.38 -7.52
N PRO A 198 1.42 -17.37 -7.60
CA PRO A 198 1.31 -16.45 -6.46
C PRO A 198 0.89 -17.25 -5.22
N LEU A 199 1.28 -16.75 -4.05
CA LEU A 199 0.92 -17.40 -2.80
C LEU A 199 0.18 -16.42 -1.91
N VAL A 200 -0.97 -16.83 -1.41
CA VAL A 200 -1.77 -15.99 -0.53
C VAL A 200 -1.72 -16.50 0.92
N PHE A 201 -1.26 -15.62 1.81
CA PHE A 201 -1.01 -15.93 3.21
C PHE A 201 -2.03 -15.25 4.12
N PRO A 202 -2.54 -16.00 5.11
CA PRO A 202 -3.47 -15.44 6.08
C PRO A 202 -2.72 -14.65 7.15
N LYS A 203 -3.47 -13.98 8.02
CA LYS A 203 -2.88 -13.30 9.16
C LYS A 203 -2.09 -14.29 10.00
N HIS A 204 -1.05 -13.81 10.66
CA HIS A 204 -0.24 -14.62 11.60
C HIS A 204 0.77 -15.55 10.92
N HIS A 205 0.72 -15.66 9.60
CA HIS A 205 1.77 -16.37 8.89
C HIS A 205 2.93 -15.42 8.66
N VAL A 206 4.14 -15.93 8.79
CA VAL A 206 5.33 -15.13 8.62
C VAL A 206 6.14 -15.67 7.45
N VAL A 207 6.42 -14.79 6.49
CA VAL A 207 7.30 -15.13 5.38
C VAL A 207 8.61 -14.41 5.57
N SER A 208 9.69 -15.18 5.61
CA SER A 208 11.04 -14.68 5.86
C SER A 208 11.87 -14.89 4.61
N LEU A 209 12.54 -13.83 4.13
CA LEU A 209 13.50 -13.97 3.05
C LEU A 209 14.90 -13.90 3.62
N GLN A 210 15.71 -14.91 3.32
CA GLN A 210 17.06 -14.99 3.88
C GLN A 210 18.11 -15.07 2.77
N PRO A 211 19.14 -14.21 2.85
CA PRO A 211 20.18 -14.11 1.82
C PRO A 211 20.94 -15.42 1.69
N VAL A 212 21.39 -15.73 0.48
CA VAL A 212 22.17 -16.92 0.25
C VAL A 212 23.64 -16.51 0.10
N ASN A 213 23.88 -15.53 -0.75
CA ASN A 213 25.22 -15.01 -0.94
C ASN A 213 25.30 -13.50 -0.69
N ASP A 214 24.93 -12.71 -1.69
CA ASP A 214 24.93 -11.26 -1.54
C ASP A 214 23.95 -10.87 -0.45
N LYS A 215 24.36 -9.93 0.41
CA LYS A 215 23.50 -9.50 1.50
C LYS A 215 22.96 -8.07 1.30
N ASP A 216 23.21 -7.48 0.12
CA ASP A 216 22.66 -6.15 -0.19
C ASP A 216 21.40 -6.26 -1.05
N PHE A 217 20.37 -5.51 -0.68
CA PHE A 217 19.08 -5.57 -1.37
C PHE A 217 18.44 -4.20 -1.55
N GLN A 218 17.82 -3.99 -2.71
CA GLN A 218 16.99 -2.81 -2.92
C GLN A 218 15.57 -3.14 -2.48
N ILE A 219 15.12 -2.52 -1.40
CA ILE A 219 13.80 -2.81 -0.85
C ILE A 219 12.86 -1.63 -1.02
N SER A 220 11.65 -1.91 -1.51
CA SER A 220 10.67 -0.86 -1.71
C SER A 220 9.47 -1.07 -0.80
N VAL A 221 8.88 0.03 -0.34
CA VAL A 221 7.62 -0.03 0.37
C VAL A 221 6.76 1.05 -0.26
N ASP A 222 5.75 0.62 -1.00
CA ASP A 222 4.95 1.56 -1.78
C ASP A 222 5.86 2.40 -2.67
N HIS A 223 5.86 3.72 -2.49
CA HIS A 223 6.66 4.61 -3.35
C HIS A 223 8.16 4.69 -3.00
N LEU A 224 8.49 4.44 -1.74
CA LEU A 224 9.87 4.57 -1.27
C LEU A 224 10.75 3.34 -1.60
N SER A 225 11.92 3.59 -2.17
CA SER A 225 12.85 2.51 -2.49
C SER A 225 14.24 2.80 -1.93
N ILE A 226 14.73 1.91 -1.06
CA ILE A 226 15.99 2.11 -0.36
C ILE A 226 16.95 0.94 -0.54
N LEU A 227 18.24 1.25 -0.70
CA LEU A 227 19.27 0.21 -0.68
C LEU A 227 19.61 -0.15 0.75
N HIS A 228 19.34 -1.40 1.12
CA HIS A 228 19.68 -1.88 2.45
C HIS A 228 20.97 -2.69 2.42
N ARG A 229 21.81 -2.50 3.42
CA ARG A 229 23.11 -3.15 3.47
C ARG A 229 23.21 -4.17 4.59
N ASP A 230 23.97 -5.24 4.35
CA ASP A 230 24.22 -6.26 5.35
C ASP A 230 22.90 -6.78 5.95
N VAL A 231 21.99 -7.20 5.08
CA VAL A 231 20.70 -7.72 5.52
C VAL A 231 20.82 -9.18 5.94
N GLN A 232 20.19 -9.52 7.06
CA GLN A 232 20.18 -10.89 7.56
C GLN A 232 18.84 -11.57 7.32
N GLU A 233 17.80 -10.76 7.24
CA GLU A 233 16.45 -11.29 7.11
C GLU A 233 15.49 -10.18 6.68
N ILE A 234 14.50 -10.55 5.87
CA ILE A 234 13.35 -9.68 5.60
C ILE A 234 12.08 -10.45 5.95
N ARG A 235 11.34 -9.96 6.94
CA ARG A 235 10.13 -10.63 7.39
C ARG A 235 8.89 -9.89 6.92
N TYR A 236 7.95 -10.64 6.33
CA TYR A 236 6.66 -10.10 5.93
C TYR A 236 5.54 -10.74 6.76
N GLU A 237 4.59 -9.91 7.20
CA GLU A 237 3.38 -10.43 7.84
C GLU A 237 2.25 -9.41 7.76
N VAL A 238 1.02 -9.89 7.82
CA VAL A 238 -0.11 -8.99 7.85
C VAL A 238 -0.03 -8.18 9.13
N SER A 239 -0.14 -6.86 8.99
CA SER A 239 -0.01 -5.95 10.11
C SER A 239 -1.23 -6.03 11.03
N ALA A 240 -1.03 -5.68 12.30
CA ALA A 240 -2.13 -5.52 13.23
C ALA A 240 -2.86 -4.19 12.98
N LYS A 241 -2.17 -3.27 12.30
CA LYS A 241 -2.74 -1.96 12.03
C LYS A 241 -3.56 -1.98 10.75
N LYS A 242 -4.54 -1.09 10.65
CA LYS A 242 -5.39 -1.01 9.48
C LYS A 242 -5.54 0.45 9.09
N ILE A 243 -5.75 0.69 7.79
CA ILE A 243 -6.07 2.04 7.35
C ILE A 243 -7.58 2.20 7.38
N HIS A 244 -8.05 3.36 7.82
CA HIS A 244 -9.48 3.61 7.91
C HIS A 244 -9.91 4.66 6.91
N PHE A 245 -10.93 4.33 6.13
CA PHE A 245 -11.49 5.26 5.17
C PHE A 245 -12.82 5.79 5.68
N ALA A 246 -13.08 7.07 5.44
CA ALA A 246 -14.42 7.60 5.64
C ALA A 246 -15.29 7.22 4.44
N ARG A 247 -16.41 6.58 4.72
CA ARG A 247 -17.32 6.10 3.68
C ARG A 247 -18.60 6.92 3.67
N PHE A 248 -18.90 7.55 2.52
CA PHE A 248 -20.09 8.40 2.42
C PHE A 248 -21.20 7.79 1.56
N ARG A 249 -20.80 6.92 0.64
CA ARG A 249 -21.75 6.22 -0.21
C ARG A 249 -21.14 4.88 -0.60
N SER A 250 -21.96 4.00 -1.15
CA SER A 250 -21.46 2.70 -1.62
C SER A 250 -20.66 2.87 -2.90
N PHE A 251 -19.45 2.33 -2.90
CA PHE A 251 -18.66 2.20 -4.12
C PHE A 251 -17.88 0.90 -3.97
N PRO A 252 -18.54 -0.23 -4.24
CA PRO A 252 -17.97 -1.56 -4.03
C PRO A 252 -16.62 -1.75 -4.73
N PHE A 253 -15.67 -2.36 -4.02
CA PHE A 253 -14.36 -2.73 -4.55
C PHE A 253 -14.44 -3.30 -5.98
N TRP A 254 -15.33 -4.26 -6.20
CA TRP A 254 -15.40 -4.90 -7.52
C TRP A 254 -15.88 -3.93 -8.59
N ARG A 255 -16.73 -2.99 -8.20
CA ARG A 255 -17.13 -1.94 -9.13
C ARG A 255 -15.95 -1.00 -9.43
N ARG A 256 -15.17 -0.70 -8.38
CA ARG A 256 -13.94 0.07 -8.54
C ARG A 256 -12.97 -0.64 -9.50
N VAL A 257 -12.88 -1.97 -9.37
CA VAL A 257 -12.06 -2.77 -10.27
C VAL A 257 -12.57 -2.71 -11.70
N HIS A 258 -13.89 -2.84 -11.86
CA HIS A 258 -14.51 -2.79 -13.18
C HIS A 258 -14.23 -1.43 -13.83
N ASP A 259 -14.49 -0.36 -13.10
CA ASP A 259 -14.33 1.00 -13.60
C ASP A 259 -12.90 1.29 -14.04
N SER A 260 -11.93 0.70 -13.33
CA SER A 260 -10.52 0.96 -13.59
C SER A 260 -9.93 0.10 -14.71
N PHE A 261 -10.46 -1.11 -14.89
CA PHE A 261 -9.83 -2.07 -15.81
C PHE A 261 -10.69 -2.50 -16.99
N ILE A 262 -12.00 -2.48 -16.83
CA ILE A 262 -12.87 -2.99 -17.87
C ILE A 262 -13.43 -1.86 -18.74
N GLU A 263 -14.01 -0.85 -18.09
CA GLU A 263 -14.57 0.29 -18.81
C GLU A 263 -15.06 1.35 -17.84
C1 CIT B . -17.22 -3.62 -0.79
O1 CIT B . -16.39 -3.73 -1.71
O2 CIT B . -18.28 -4.26 -0.90
C2 CIT B . -16.97 -2.75 0.43
C3 CIT B . -16.41 -1.36 0.14
O7 CIT B . -17.21 -0.72 -0.89
C4 CIT B . -16.44 -0.49 1.40
C5 CIT B . -17.86 -0.04 1.68
O3 CIT B . -18.48 -0.50 2.67
O4 CIT B . -18.44 0.81 0.96
C6 CIT B . -14.97 -1.45 -0.35
O5 CIT B . -14.59 -0.79 -1.34
O6 CIT B . -14.15 -2.20 0.22
C13 A3N C . 0.72 5.34 -7.62
C12 A3N C . 1.58 5.44 -7.35
C11 A3N C . 2.88 5.62 -6.95
N5 A3N C . 3.71 4.58 -7.53
C10 A3N C . 3.82 3.48 -6.57
C9 A3N C . 3.10 2.23 -7.11
O1 A3N C . 3.45 1.95 -8.43
C8 A3N C . 3.61 1.04 -6.36
O2 A3N C . 2.89 0.93 -5.15
C7 A3N C . 3.25 -0.05 -7.31
O3 A3N C . 2.09 -0.61 -6.90
C6 A3N C . 3.01 0.65 -8.64
N3 A3N C . 3.86 0.05 -9.67
C5 A3N C . 5.18 0.16 -9.74
N4 A3N C . 5.57 -0.52 -10.79
C2 A3N C . 4.52 -1.07 -11.37
C3 A3N C . 3.46 -0.71 -10.67
N2 A3N C . 2.27 -1.11 -11.00
C4 A3N C . 2.12 -1.90 -12.10
N1 A3N C . 3.14 -2.26 -12.80
C1 A3N C . 4.37 -1.85 -12.43
N6 A3N C . 5.43 -2.20 -13.13
C13 A3N D . 5.68 4.20 -10.29
C12 A3N D . 4.60 4.40 -10.69
C11 A3N D . 3.25 4.66 -11.20
N5 A3N D . 2.48 3.45 -11.41
C10 A3N D . 1.27 3.55 -10.61
C9 A3N D . 0.05 3.23 -11.42
O1 A3N D . -0.64 2.28 -10.67
C8 A3N D . -0.88 4.41 -11.46
O2 A3N D . -1.89 4.07 -12.37
C7 A3N D . -1.47 4.38 -10.10
O3 A3N D . -2.72 4.99 -10.16
C6 A3N D . -1.73 2.93 -9.99
N3 A3N D . -1.92 2.50 -8.58
C5 A3N D . -1.41 2.87 -7.44
N4 A3N D . -1.99 2.15 -6.51
C2 A3N D . -2.86 1.33 -7.09
C3 A3N D . -2.82 1.58 -8.38
N2 A3N D . -3.58 0.93 -9.25
C4 A3N D . -4.44 -0.03 -8.79
N1 A3N D . -4.49 -0.28 -7.52
C1 A3N D . -3.70 0.40 -6.64
N6 A3N D . -3.75 0.14 -5.35
#